data_8D7P
#
_entry.id   8D7P
#
_cell.length_a   48.780
_cell.length_b   56.740
_cell.length_c   65.940
_cell.angle_alpha   108.93
_cell.angle_beta   95.63
_cell.angle_gamma   108.69
#
_symmetry.space_group_name_H-M   'P 1'
#
loop_
_entity.id
_entity.type
_entity.pdbx_description
1 polymer 'Casein kinase I isoform delta'
2 polymer 'Period circadian protein peptide'
3 water water
#
loop_
_entity_poly.entity_id
_entity_poly.type
_entity_poly.pdbx_seq_one_letter_code
_entity_poly.pdbx_strand_id
1 'polypeptide(L)'
;GAMDPEFMELRVGNRYRLGRKIGSGSFGDIYLGTDIAAGEEVAIKLECVKTKHPQLHIESKIYKMMQGGVGIPTIRWCGA
EGDYNVMVMELLGPSLEDLFNFCSRKFSLKTVLLLADQMISRIEYIHSKNFIHRDVKPDNFLMGLGKKGNLVYIIDFGLA
KKYRDARTHQHIPYRENKNLTGTARYASINTHLGIEQSRRDDLESLGYVLMYFNLGSLPWQGLKAATKRQKYERISEKKM
STPIEVLCKGYPSEFATYLNFCRSLRFDDKPDYSYLRQLFRNLFHRQGFSYDYVFDWNMLK
;
A,B
2 'polypeptide(L)' VAERD(SEP)VMLGEIAPHHDY D,C
#
# COMPACT_ATOMS: atom_id res chain seq x y z
N GLU A 9 -14.49 18.99 -7.69
CA GLU A 9 -13.92 17.74 -7.16
C GLU A 9 -12.91 17.15 -8.14
N LEU A 10 -11.92 16.44 -7.59
CA LEU A 10 -10.80 15.96 -8.39
C LEU A 10 -11.24 14.87 -9.36
N ARG A 11 -11.13 15.16 -10.66
CA ARG A 11 -11.56 14.25 -11.71
C ARG A 11 -10.52 14.21 -12.82
N VAL A 12 -10.17 13.01 -13.27
CA VAL A 12 -9.34 12.83 -14.46
C VAL A 12 -10.24 12.37 -15.60
N GLY A 13 -9.81 12.66 -16.83
CA GLY A 13 -10.65 12.38 -17.98
C GLY A 13 -12.03 13.00 -17.91
N ASN A 14 -12.20 14.00 -17.04
CA ASN A 14 -13.49 14.64 -16.71
C ASN A 14 -14.60 13.63 -16.39
N ARG A 15 -14.23 12.38 -16.09
CA ARG A 15 -15.22 11.34 -15.80
C ARG A 15 -14.87 10.45 -14.61
N TYR A 16 -13.60 10.31 -14.24
CA TYR A 16 -13.17 9.33 -13.25
C TYR A 16 -12.73 10.07 -11.98
N ARG A 17 -13.63 10.11 -11.00
CA ARG A 17 -13.30 10.66 -9.69
C ARG A 17 -12.15 9.90 -9.05
N LEU A 18 -11.20 10.63 -8.48
CA LEU A 18 -9.99 10.03 -7.94
C LEU A 18 -10.16 9.68 -6.49
N GLY A 19 -9.67 8.50 -6.11
CA GLY A 19 -9.75 8.01 -4.75
C GLY A 19 -8.40 7.69 -4.12
N ARG A 20 -8.41 6.90 -3.05
CA ARG A 20 -7.17 6.65 -2.32
C ARG A 20 -6.20 5.83 -3.17
N LYS A 21 -4.93 5.98 -2.84
CA LYS A 21 -3.90 5.11 -3.39
C LYS A 21 -4.16 3.68 -2.94
N ILE A 22 -4.08 2.74 -3.87
CA ILE A 22 -4.36 1.33 -3.64
C ILE A 22 -3.18 0.46 -4.04
N GLY A 23 -2.00 1.02 -4.15
CA GLY A 23 -0.84 0.28 -4.58
C GLY A 23 0.10 1.17 -5.38
N SER A 24 1.21 0.56 -5.78
CA SER A 24 2.22 1.32 -6.53
C SER A 24 2.85 0.39 -7.53
N GLY A 25 2.53 0.58 -8.81
CA GLY A 25 3.09 -0.22 -9.87
C GLY A 25 4.47 0.28 -10.27
N SER A 26 4.95 -0.28 -11.37
CA SER A 26 6.25 0.10 -11.90
C SER A 26 6.15 1.46 -12.60
N PHE A 27 7.00 2.40 -12.19
CA PHE A 27 7.03 3.74 -12.77
C PHE A 27 5.67 4.44 -12.62
N GLY A 28 5.01 4.25 -11.48
CA GLY A 28 3.71 4.87 -11.34
C GLY A 28 2.85 4.37 -10.20
N ASP A 29 2.04 5.27 -9.68
CA ASP A 29 1.17 5.00 -8.54
C ASP A 29 -0.23 4.68 -9.04
N ILE A 30 -0.92 3.79 -8.34
CA ILE A 30 -2.25 3.35 -8.72
C ILE A 30 -3.28 3.88 -7.72
N TYR A 31 -4.40 4.37 -8.24
CA TYR A 31 -5.42 5.00 -7.42
C TYR A 31 -6.75 4.32 -7.68
N LEU A 32 -7.60 4.27 -6.65
CA LEU A 32 -8.96 3.87 -6.88
C LEU A 32 -9.67 4.98 -7.64
N GLY A 33 -10.63 4.60 -8.47
CA GLY A 33 -11.39 5.56 -9.22
C GLY A 33 -12.84 5.14 -9.30
N THR A 34 -13.69 6.13 -9.59
CA THR A 34 -15.11 5.89 -9.80
C THR A 34 -15.50 6.53 -11.12
N ASP A 35 -16.13 5.76 -12.00
CA ASP A 35 -16.79 6.30 -13.19
C ASP A 35 -18.07 7.02 -12.76
N ILE A 36 -18.05 8.35 -12.77
CA ILE A 36 -19.22 9.11 -12.33
C ILE A 36 -20.40 8.88 -13.27
N ALA A 37 -20.14 8.57 -14.55
CA ALA A 37 -21.22 8.26 -15.47
C ALA A 37 -21.91 6.94 -15.12
N ALA A 38 -21.12 5.90 -14.85
CA ALA A 38 -21.68 4.57 -14.59
C ALA A 38 -21.85 4.22 -13.13
N GLY A 39 -21.09 4.85 -12.23
CA GLY A 39 -20.94 4.33 -10.89
C GLY A 39 -19.92 3.23 -10.76
N GLU A 40 -19.36 2.75 -11.87
CA GLU A 40 -18.33 1.71 -11.87
C GLU A 40 -17.04 2.20 -11.25
N GLU A 41 -16.39 1.34 -10.45
CA GLU A 41 -15.06 1.58 -9.93
C GLU A 41 -13.99 1.11 -10.91
N VAL A 42 -12.89 1.85 -10.96
CA VAL A 42 -11.81 1.63 -11.92
C VAL A 42 -10.48 1.74 -11.19
N ALA A 43 -9.41 1.30 -11.86
CA ALA A 43 -8.06 1.61 -11.40
C ALA A 43 -7.46 2.70 -12.29
N ILE A 44 -6.73 3.61 -11.67
CA ILE A 44 -6.13 4.75 -12.35
C ILE A 44 -4.65 4.73 -12.07
N LYS A 45 -3.85 4.56 -13.12
CA LYS A 45 -2.41 4.66 -12.98
C LYS A 45 -1.96 6.04 -13.43
N LEU A 46 -1.01 6.63 -12.70
CA LEU A 46 -0.56 7.99 -12.99
C LEU A 46 0.93 8.01 -13.23
N GLU A 47 1.34 8.83 -14.18
CA GLU A 47 2.76 8.99 -14.46
C GLU A 47 2.95 10.48 -14.67
N CYS A 48 3.95 11.08 -14.03
CA CYS A 48 4.12 12.52 -14.20
C CYS A 48 4.46 12.84 -15.64
N VAL A 49 3.72 13.78 -16.25
CA VAL A 49 3.90 14.05 -17.68
C VAL A 49 5.33 14.48 -17.97
N LYS A 50 5.99 15.08 -16.99
CA LYS A 50 7.32 15.64 -17.21
C LYS A 50 8.41 14.68 -16.77
N THR A 51 8.13 13.38 -16.70
CA THR A 51 9.20 12.38 -16.46
C THR A 51 10.17 12.37 -17.63
N LYS A 52 11.42 12.02 -17.38
CA LYS A 52 12.45 11.91 -18.46
C LYS A 52 12.34 10.56 -19.17
N HIS A 53 11.74 9.56 -18.52
CA HIS A 53 11.56 8.23 -19.13
C HIS A 53 10.08 7.85 -19.15
N PRO A 54 9.26 8.47 -20.02
CA PRO A 54 7.82 8.17 -20.09
C PRO A 54 7.60 6.72 -20.55
N GLN A 55 6.60 6.09 -19.95
CA GLN A 55 6.30 4.66 -20.13
C GLN A 55 4.81 4.38 -20.29
N LEU A 56 3.94 5.18 -19.64
CA LEU A 56 2.54 4.78 -19.44
C LEU A 56 1.84 4.57 -20.76
N HIS A 57 2.12 5.42 -21.76
CA HIS A 57 1.47 5.25 -23.04
C HIS A 57 2.02 4.03 -23.80
N ILE A 58 3.27 3.64 -23.55
CA ILE A 58 3.78 2.37 -24.05
C ILE A 58 3.05 1.20 -23.40
N GLU A 59 3.02 1.20 -22.06
CA GLU A 59 2.29 0.15 -21.34
C GLU A 59 0.83 0.05 -21.80
N SER A 60 0.20 1.19 -22.11
CA SER A 60 -1.20 1.08 -22.56
C SER A 60 -1.29 0.52 -23.98
N LYS A 61 -0.28 0.77 -24.84
CA LYS A 61 -0.31 0.15 -26.16
C LYS A 61 -0.12 -1.35 -26.04
N ILE A 62 0.76 -1.79 -25.15
CA ILE A 62 0.92 -3.22 -24.91
C ILE A 62 -0.36 -3.83 -24.39
N TYR A 63 -1.01 -3.17 -23.41
CA TYR A 63 -2.33 -3.62 -22.94
C TYR A 63 -3.31 -3.71 -24.10
N LYS A 64 -3.18 -2.82 -25.09
CA LYS A 64 -4.10 -2.85 -26.21
C LYS A 64 -3.79 -4.01 -27.15
N MET A 65 -2.51 -4.33 -27.32
CA MET A 65 -2.14 -5.49 -28.11
C MET A 65 -2.55 -6.79 -27.43
N MET A 66 -2.69 -6.76 -26.10
CA MET A 66 -3.05 -7.94 -25.32
C MET A 66 -4.54 -8.11 -25.14
N GLN A 67 -5.37 -7.21 -25.67
CA GLN A 67 -6.79 -7.35 -25.36
C GLN A 67 -7.38 -8.54 -26.08
N GLY A 68 -8.47 -9.07 -25.52
CA GLY A 68 -9.04 -10.31 -25.95
C GLY A 68 -8.47 -11.52 -25.24
N GLY A 69 -7.21 -11.45 -24.83
CA GLY A 69 -6.62 -12.58 -24.13
C GLY A 69 -7.29 -12.76 -22.79
N VAL A 70 -7.55 -14.02 -22.45
CA VAL A 70 -8.19 -14.35 -21.18
C VAL A 70 -7.31 -13.86 -20.03
N GLY A 71 -7.93 -13.21 -19.05
CA GLY A 71 -7.17 -12.74 -17.92
C GLY A 71 -6.38 -11.48 -18.19
N ILE A 72 -6.73 -10.72 -19.22
CA ILE A 72 -6.10 -9.44 -19.51
C ILE A 72 -7.12 -8.35 -19.18
N PRO A 73 -6.80 -7.42 -18.27
CA PRO A 73 -7.74 -6.33 -17.97
C PRO A 73 -7.98 -5.42 -19.17
N THR A 74 -9.18 -4.85 -19.21
CA THR A 74 -9.57 -3.90 -20.24
C THR A 74 -9.11 -2.50 -19.89
N ILE A 75 -8.73 -1.73 -20.91
CA ILE A 75 -8.31 -0.34 -20.76
C ILE A 75 -9.51 0.56 -21.04
N ARG A 76 -9.89 1.39 -20.09
CA ARG A 76 -11.08 2.20 -20.36
C ARG A 76 -10.74 3.50 -21.06
N TRP A 77 -9.62 4.12 -20.69
CA TRP A 77 -9.28 5.47 -21.14
C TRP A 77 -7.82 5.74 -20.85
N CYS A 78 -7.16 6.39 -21.79
CA CYS A 78 -5.76 6.76 -21.65
C CYS A 78 -5.63 8.17 -22.19
N GLY A 79 -4.78 8.97 -21.55
CA GLY A 79 -4.75 10.39 -21.86
C GLY A 79 -3.72 11.10 -21.02
N ALA A 80 -3.79 12.44 -21.03
CA ALA A 80 -2.87 13.29 -20.30
C ALA A 80 -3.67 14.41 -19.68
N GLU A 81 -3.27 14.84 -18.48
CA GLU A 81 -4.03 15.84 -17.73
C GLU A 81 -3.19 16.40 -16.60
N GLY A 82 -3.18 17.73 -16.44
CA GLY A 82 -2.49 18.31 -15.30
C GLY A 82 -1.03 17.95 -15.31
N ASP A 83 -0.56 17.38 -14.21
CA ASP A 83 0.82 16.89 -14.11
C ASP A 83 1.00 15.43 -14.55
N TYR A 84 -0.03 14.77 -15.10
CA TYR A 84 0.07 13.31 -15.27
C TYR A 84 -0.36 12.83 -16.64
N ASN A 85 0.37 11.84 -17.14
CA ASN A 85 -0.21 10.87 -18.06
C ASN A 85 -1.13 9.95 -17.29
N VAL A 86 -2.27 9.61 -17.88
CA VAL A 86 -3.35 8.92 -17.17
C VAL A 86 -3.70 7.63 -17.92
N MET A 87 -3.76 6.51 -17.18
CA MET A 87 -4.28 5.26 -17.71
C MET A 87 -5.33 4.68 -16.77
N VAL A 88 -6.56 4.59 -17.27
CA VAL A 88 -7.71 4.08 -16.52
C VAL A 88 -7.97 2.64 -16.94
N MET A 89 -8.06 1.73 -15.98
CA MET A 89 -8.37 0.34 -16.29
C MET A 89 -9.51 -0.22 -15.45
N GLU A 90 -9.95 -1.40 -15.90
CA GLU A 90 -10.91 -2.21 -15.19
C GLU A 90 -10.35 -2.51 -13.80
N LEU A 91 -11.16 -2.33 -12.77
CA LEU A 91 -10.71 -2.69 -11.43
C LEU A 91 -10.91 -4.19 -11.21
N LEU A 92 -9.90 -4.86 -10.70
CA LEU A 92 -10.06 -6.30 -10.50
C LEU A 92 -10.20 -6.57 -9.00
N GLY A 93 -10.03 -7.82 -8.60
CA GLY A 93 -10.14 -8.19 -7.21
C GLY A 93 -8.79 -8.18 -6.51
N PRO A 94 -8.68 -8.93 -5.40
CA PRO A 94 -7.40 -8.96 -4.66
C PRO A 94 -6.26 -9.55 -5.48
N SER A 95 -5.04 -9.26 -5.06
CA SER A 95 -3.89 -9.88 -5.68
C SER A 95 -3.59 -11.23 -5.01
N LEU A 96 -2.76 -12.03 -5.66
CA LEU A 96 -2.43 -13.33 -5.10
C LEU A 96 -1.61 -13.15 -3.82
N GLU A 97 -0.83 -12.07 -3.72
CA GLU A 97 -0.17 -11.77 -2.45
C GLU A 97 -1.21 -11.41 -1.38
N ASP A 98 -2.19 -10.56 -1.73
CA ASP A 98 -3.28 -10.24 -0.80
C ASP A 98 -3.97 -11.51 -0.32
N LEU A 99 -4.36 -12.38 -1.27
CA LEU A 99 -5.10 -13.58 -0.89
C LEU A 99 -4.23 -14.55 -0.10
N PHE A 100 -2.94 -14.65 -0.42
CA PHE A 100 -2.02 -15.47 0.37
C PHE A 100 -1.99 -14.99 1.81
N ASN A 101 -1.88 -13.67 2.01
CA ASN A 101 -1.97 -13.10 3.35
C ASN A 101 -3.33 -13.36 3.97
N PHE A 102 -4.39 -13.24 3.18
CA PHE A 102 -5.72 -13.55 3.70
C PHE A 102 -5.80 -14.99 4.23
N CYS A 103 -5.05 -15.93 3.65
CA CYS A 103 -5.10 -17.32 4.09
C CYS A 103 -3.93 -17.66 4.99
N SER A 104 -3.50 -16.70 5.80
CA SER A 104 -2.52 -16.92 6.84
C SER A 104 -1.23 -17.44 6.23
N ARG A 105 -0.97 -17.01 4.99
CA ARG A 105 0.26 -17.30 4.26
C ARG A 105 0.51 -18.81 4.13
N LYS A 106 -0.55 -19.55 3.83
CA LYS A 106 -0.47 -20.96 3.45
C LYS A 106 -1.59 -21.25 2.47
N PHE A 107 -1.26 -21.91 1.37
CA PHE A 107 -2.24 -22.37 0.39
C PHE A 107 -2.26 -23.88 0.39
N SER A 108 -3.44 -24.46 0.17
CA SER A 108 -3.51 -25.91 -0.03
C SER A 108 -2.77 -26.28 -1.33
N LEU A 109 -2.30 -27.53 -1.38
CA LEU A 109 -1.74 -28.03 -2.64
C LEU A 109 -2.70 -27.80 -3.79
N LYS A 110 -3.98 -28.10 -3.59
CA LYS A 110 -4.96 -27.95 -4.66
C LYS A 110 -5.00 -26.52 -5.20
N THR A 111 -4.93 -25.53 -4.31
CA THR A 111 -4.95 -24.14 -4.77
C THR A 111 -3.66 -23.79 -5.51
N VAL A 112 -2.52 -24.25 -5.01
CA VAL A 112 -1.26 -24.03 -5.71
C VAL A 112 -1.36 -24.58 -7.12
N LEU A 113 -1.97 -25.76 -7.27
CA LEU A 113 -2.04 -26.41 -8.59
C LEU A 113 -3.06 -25.74 -9.50
N LEU A 114 -4.20 -25.32 -8.96
CA LEU A 114 -5.14 -24.53 -9.75
C LEU A 114 -4.50 -23.22 -10.23
N LEU A 115 -3.72 -22.56 -9.36
CA LEU A 115 -3.09 -21.29 -9.75
C LEU A 115 -1.96 -21.51 -10.74
N ALA A 116 -1.19 -22.59 -10.56
CA ALA A 116 -0.07 -22.84 -11.43
C ALA A 116 -0.53 -23.04 -12.86
N ASP A 117 -1.63 -23.77 -13.05
CA ASP A 117 -2.15 -23.99 -14.40
C ASP A 117 -2.53 -22.68 -15.08
N GLN A 118 -3.21 -21.78 -14.34
CA GLN A 118 -3.65 -20.53 -14.94
C GLN A 118 -2.51 -19.55 -15.15
N MET A 119 -1.48 -19.60 -14.30
CA MET A 119 -0.38 -18.64 -14.39
C MET A 119 0.56 -18.99 -15.54
N ILE A 120 0.80 -20.28 -15.78
CA ILE A 120 1.49 -20.70 -17.00
C ILE A 120 0.72 -20.23 -18.23
N SER A 121 -0.61 -20.35 -18.20
CA SER A 121 -1.42 -19.93 -19.35
C SER A 121 -1.29 -18.43 -19.62
N ARG A 122 -1.46 -17.60 -18.58
CA ARG A 122 -1.28 -16.15 -18.77
C ARG A 122 0.06 -15.84 -19.43
N ILE A 123 1.13 -16.44 -18.88
CA ILE A 123 2.49 -16.20 -19.36
C ILE A 123 2.66 -16.70 -20.81
N GLU A 124 2.19 -17.91 -21.11
CA GLU A 124 2.25 -18.39 -22.49
C GLU A 124 1.52 -17.46 -23.44
N TYR A 125 0.39 -16.89 -23.00
CA TYR A 125 -0.37 -15.99 -23.87
C TYR A 125 0.40 -14.71 -24.15
N ILE A 126 1.07 -14.16 -23.14
CA ILE A 126 1.90 -12.98 -23.36
C ILE A 126 3.03 -13.32 -24.32
N HIS A 127 3.61 -14.52 -24.18
CA HIS A 127 4.68 -14.95 -25.06
C HIS A 127 4.20 -15.12 -26.48
N SER A 128 2.98 -15.61 -26.65
CA SER A 128 2.43 -15.75 -27.99
C SER A 128 2.18 -14.42 -28.66
N LYS A 129 2.16 -13.31 -27.90
CA LYS A 129 2.01 -11.97 -28.45
C LYS A 129 3.33 -11.25 -28.57
N ASN A 130 4.43 -12.00 -28.52
CA ASN A 130 5.82 -11.61 -28.77
C ASN A 130 6.48 -10.89 -27.60
N PHE A 131 5.86 -10.89 -26.39
CA PHE A 131 6.38 -10.16 -25.23
C PHE A 131 6.71 -11.11 -24.06
N ILE A 132 7.74 -10.73 -23.27
CA ILE A 132 7.98 -11.28 -21.94
C ILE A 132 7.54 -10.24 -20.90
N HIS A 133 7.15 -10.72 -19.71
CA HIS A 133 6.60 -9.85 -18.68
C HIS A 133 7.70 -9.19 -17.86
N ARG A 134 8.61 -10.03 -17.33
CA ARG A 134 9.84 -9.70 -16.62
C ARG A 134 9.60 -9.21 -15.20
N ASP A 135 8.37 -9.25 -14.70
CA ASP A 135 8.17 -8.98 -13.29
C ASP A 135 7.14 -9.95 -12.72
N VAL A 136 7.32 -11.24 -12.99
CA VAL A 136 6.41 -12.24 -12.47
C VAL A 136 6.58 -12.30 -10.95
N LYS A 137 5.48 -12.13 -10.23
CA LYS A 137 5.48 -12.04 -8.77
C LYS A 137 4.03 -12.04 -8.29
N PRO A 138 3.78 -12.45 -7.04
CA PRO A 138 2.38 -12.53 -6.55
C PRO A 138 1.54 -11.26 -6.68
N ASP A 139 2.09 -10.07 -6.40
CA ASP A 139 1.30 -8.84 -6.51
C ASP A 139 0.82 -8.59 -7.95
N ASN A 140 1.47 -9.18 -8.94
CA ASN A 140 1.15 -8.92 -10.32
C ASN A 140 0.15 -9.90 -10.93
N PHE A 141 -0.45 -10.77 -10.12
CA PHE A 141 -1.61 -11.53 -10.54
C PHE A 141 -2.79 -11.12 -9.66
N LEU A 142 -3.94 -10.86 -10.29
CA LEU A 142 -5.16 -10.49 -9.56
C LEU A 142 -6.31 -11.37 -10.02
N MET A 143 -7.18 -11.76 -9.08
CA MET A 143 -8.41 -12.49 -9.40
C MET A 143 -9.45 -11.55 -9.98
N GLY A 144 -10.33 -12.13 -10.79
CA GLY A 144 -11.45 -11.39 -11.36
C GLY A 144 -12.57 -11.15 -10.35
N LEU A 145 -13.66 -10.59 -10.87
CA LEU A 145 -14.79 -10.13 -10.07
C LEU A 145 -16.03 -10.90 -10.45
N GLY A 146 -16.84 -11.25 -9.44
CA GLY A 146 -18.12 -11.89 -9.68
C GLY A 146 -17.97 -13.17 -10.47
N LYS A 147 -18.57 -13.18 -11.67
CA LYS A 147 -18.56 -14.34 -12.56
C LYS A 147 -17.16 -14.66 -13.08
N LYS A 148 -16.21 -13.73 -12.97
CA LYS A 148 -14.83 -14.00 -13.29
C LYS A 148 -13.97 -14.20 -12.04
N GLY A 149 -14.60 -14.52 -10.91
CA GLY A 149 -13.88 -14.66 -9.66
C GLY A 149 -12.94 -15.83 -9.61
N ASN A 150 -13.10 -16.79 -10.52
CA ASN A 150 -12.23 -17.95 -10.59
C ASN A 150 -11.10 -17.78 -11.61
N LEU A 151 -10.98 -16.60 -12.21
CA LEU A 151 -10.08 -16.36 -13.31
C LEU A 151 -8.88 -15.56 -12.81
N VAL A 152 -7.68 -15.98 -13.19
CA VAL A 152 -6.46 -15.30 -12.76
C VAL A 152 -6.04 -14.33 -13.85
N TYR A 153 -5.91 -13.06 -13.48
CA TYR A 153 -5.45 -12.00 -14.36
C TYR A 153 -3.98 -11.74 -14.11
N ILE A 154 -3.27 -11.30 -15.16
CA ILE A 154 -1.91 -10.79 -15.04
C ILE A 154 -1.94 -9.30 -15.36
N ILE A 155 -1.18 -8.52 -14.60
CA ILE A 155 -1.15 -7.07 -14.71
C ILE A 155 0.29 -6.61 -14.73
N ASP A 156 0.45 -5.31 -14.97
CA ASP A 156 1.69 -4.52 -14.98
C ASP A 156 2.59 -4.91 -16.12
N PHE A 157 2.42 -4.22 -17.25
CA PHE A 157 3.29 -4.38 -18.40
C PHE A 157 4.32 -3.27 -18.50
N GLY A 158 4.64 -2.64 -17.36
CA GLY A 158 5.59 -1.55 -17.34
C GLY A 158 7.02 -1.99 -17.52
N LEU A 159 7.30 -3.27 -17.32
CA LEU A 159 8.61 -3.80 -17.65
C LEU A 159 8.58 -4.76 -18.82
N ALA A 160 7.41 -4.94 -19.46
CA ALA A 160 7.32 -5.87 -20.59
C ALA A 160 8.18 -5.40 -21.76
N LYS A 161 8.62 -6.36 -22.58
CA LYS A 161 9.35 -6.00 -23.79
C LYS A 161 9.23 -7.12 -24.82
N LYS A 162 9.42 -6.74 -26.09
CA LYS A 162 9.46 -7.73 -27.15
C LYS A 162 10.68 -8.62 -26.99
N TYR A 163 10.45 -9.95 -27.04
CA TYR A 163 11.55 -10.90 -27.13
C TYR A 163 11.79 -11.41 -28.56
N ARG A 164 10.88 -11.13 -29.50
CA ARG A 164 11.02 -11.60 -30.88
C ARG A 164 10.38 -10.62 -31.86
N ASP A 165 10.83 -10.67 -33.11
CA ASP A 165 10.30 -9.80 -34.14
C ASP A 165 8.88 -10.24 -34.52
N ALA A 166 7.98 -9.26 -34.65
CA ALA A 166 6.57 -9.59 -34.82
C ALA A 166 6.25 -10.25 -36.17
N ARG A 167 7.14 -10.14 -37.16
CA ARG A 167 6.89 -10.76 -38.47
C ARG A 167 7.84 -11.88 -38.82
N THR A 168 9.12 -11.77 -38.44
CA THR A 168 10.06 -12.84 -38.72
C THR A 168 10.18 -13.83 -37.58
N HIS A 169 9.70 -13.46 -36.39
CA HIS A 169 9.88 -14.20 -35.14
C HIS A 169 11.34 -14.39 -34.80
N GLN A 170 12.21 -13.58 -35.40
CA GLN A 170 13.63 -13.58 -35.03
C GLN A 170 13.75 -13.13 -33.59
N HIS A 171 14.40 -13.95 -32.78
CA HIS A 171 14.54 -13.69 -31.36
C HIS A 171 15.50 -12.54 -31.11
N ILE A 172 15.28 -11.82 -30.01
CA ILE A 172 16.15 -10.71 -29.65
C ILE A 172 17.54 -11.27 -29.35
N PRO A 173 18.61 -10.50 -29.54
CA PRO A 173 19.96 -11.05 -29.34
C PRO A 173 20.28 -11.33 -27.88
N TYR A 174 21.22 -12.24 -27.71
CA TYR A 174 21.73 -12.60 -26.40
C TYR A 174 22.60 -11.47 -25.86
N ARG A 175 22.39 -11.08 -24.62
CA ARG A 175 23.28 -10.10 -24.01
C ARG A 175 23.61 -10.54 -22.59
N GLU A 176 24.78 -10.10 -22.13
CA GLU A 176 25.31 -10.32 -20.79
C GLU A 176 25.62 -8.96 -20.18
N ASN A 177 26.13 -8.99 -18.96
CA ASN A 177 26.47 -7.80 -18.19
C ASN A 177 25.42 -6.68 -18.31
N LYS A 178 24.17 -7.03 -18.00
CA LYS A 178 23.11 -6.03 -17.89
C LYS A 178 22.77 -5.79 -16.44
N ASN A 179 22.67 -4.53 -16.04
CA ASN A 179 22.13 -4.19 -14.74
C ASN A 179 20.61 -4.16 -14.89
N LEU A 180 19.97 -5.24 -14.48
CA LEU A 180 18.55 -5.41 -14.73
C LEU A 180 17.72 -4.94 -13.56
N THR A 181 16.46 -4.62 -13.87
CA THR A 181 15.49 -4.13 -12.89
C THR A 181 14.38 -5.18 -12.75
N GLY A 182 14.27 -5.75 -11.56
CA GLY A 182 13.18 -6.67 -11.28
C GLY A 182 12.81 -6.71 -9.81
N THR A 183 12.18 -7.80 -9.39
CA THR A 183 11.90 -8.02 -7.98
C THR A 183 12.90 -9.07 -7.49
N ALA A 184 13.80 -8.64 -6.60
CA ALA A 184 14.94 -9.46 -6.23
C ALA A 184 14.51 -10.85 -5.75
N ARG A 185 13.41 -10.91 -4.98
CA ARG A 185 13.01 -12.17 -4.37
C ARG A 185 12.65 -13.25 -5.40
N TYR A 186 12.10 -12.85 -6.54
CA TYR A 186 11.59 -13.80 -7.51
C TYR A 186 12.38 -13.86 -8.79
N ALA A 187 13.39 -13.02 -8.96
CA ALA A 187 14.14 -13.01 -10.21
C ALA A 187 14.81 -14.37 -10.46
N SER A 188 14.91 -14.73 -11.72
CA SER A 188 15.62 -15.94 -12.03
C SER A 188 17.12 -15.73 -11.77
N ILE A 189 17.84 -16.85 -11.67
CA ILE A 189 19.30 -16.84 -11.50
C ILE A 189 19.97 -16.08 -12.65
N ASN A 190 19.52 -16.32 -13.90
CA ASN A 190 20.17 -15.66 -15.04
C ASN A 190 20.07 -14.15 -14.96
N THR A 191 18.96 -13.63 -14.44
CA THR A 191 18.87 -12.19 -14.29
C THR A 191 19.89 -11.70 -13.27
N HIS A 192 20.07 -12.45 -12.17
CA HIS A 192 21.07 -12.06 -11.19
C HIS A 192 22.47 -12.10 -11.80
N LEU A 193 22.66 -12.80 -12.90
CA LEU A 193 23.96 -12.91 -13.55
C LEU A 193 24.17 -11.88 -14.64
N GLY A 194 23.20 -11.01 -14.91
CA GLY A 194 23.30 -9.99 -15.94
C GLY A 194 22.90 -10.42 -17.33
N ILE A 195 22.24 -11.55 -17.48
CA ILE A 195 21.92 -12.08 -18.81
C ILE A 195 20.59 -11.48 -19.26
N GLU A 196 20.51 -11.15 -20.54
CA GLU A 196 19.26 -10.75 -21.16
C GLU A 196 18.16 -11.75 -20.83
N GLN A 197 17.03 -11.24 -20.35
CA GLN A 197 15.91 -12.10 -20.02
C GLN A 197 15.15 -12.53 -21.29
N SER A 198 14.42 -13.62 -21.16
CA SER A 198 13.66 -14.18 -22.26
C SER A 198 12.57 -15.05 -21.65
N ARG A 199 11.89 -15.83 -22.49
CA ARG A 199 10.71 -16.58 -22.05
C ARG A 199 11.03 -17.50 -20.88
N ARG A 200 12.23 -18.08 -20.86
CA ARG A 200 12.58 -19.01 -19.79
C ARG A 200 12.47 -18.34 -18.43
N ASP A 201 12.81 -17.05 -18.37
CA ASP A 201 12.94 -16.40 -17.07
C ASP A 201 11.60 -16.10 -16.45
N ASP A 202 10.57 -15.77 -17.24
CA ASP A 202 9.22 -15.62 -16.67
C ASP A 202 8.80 -16.90 -15.97
N LEU A 203 9.02 -18.04 -16.61
CA LEU A 203 8.55 -19.30 -16.04
C LEU A 203 9.41 -19.72 -14.87
N GLU A 204 10.71 -19.37 -14.86
CA GLU A 204 11.51 -19.64 -13.68
C GLU A 204 11.00 -18.87 -12.47
N SER A 205 10.62 -17.60 -12.67
CA SER A 205 10.08 -16.80 -11.56
C SER A 205 8.76 -17.34 -11.07
N LEU A 206 7.90 -17.77 -11.99
CA LEU A 206 6.70 -18.48 -11.57
C LEU A 206 7.06 -19.65 -10.65
N GLY A 207 8.09 -20.43 -11.00
CA GLY A 207 8.47 -21.56 -10.15
C GLY A 207 8.85 -21.16 -8.73
N TYR A 208 9.52 -20.01 -8.58
CA TYR A 208 9.81 -19.51 -7.24
C TYR A 208 8.54 -19.03 -6.56
N VAL A 209 7.60 -18.46 -7.34
CA VAL A 209 6.31 -18.06 -6.77
C VAL A 209 5.57 -19.30 -6.25
N LEU A 210 5.61 -20.40 -7.00
CA LEU A 210 4.96 -21.63 -6.54
C LEU A 210 5.57 -22.12 -5.24
N MET A 211 6.90 -22.16 -5.17
CA MET A 211 7.52 -22.59 -3.93
C MET A 211 7.27 -21.61 -2.79
N TYR A 212 7.13 -20.32 -3.09
CA TYR A 212 6.78 -19.33 -2.08
C TYR A 212 5.41 -19.61 -1.48
N PHE A 213 4.41 -19.86 -2.33
CA PHE A 213 3.09 -20.26 -1.86
C PHE A 213 3.18 -21.53 -1.03
N ASN A 214 4.12 -22.40 -1.35
CA ASN A 214 4.22 -23.68 -0.66
C ASN A 214 4.85 -23.51 0.71
N LEU A 215 5.83 -22.62 0.84
CA LEU A 215 6.60 -22.53 2.07
C LEU A 215 6.12 -21.45 3.04
N GLY A 216 5.42 -20.41 2.54
CA GLY A 216 5.21 -19.20 3.30
C GLY A 216 6.32 -18.17 3.12
N SER A 217 7.51 -18.63 2.74
CA SER A 217 8.73 -17.85 2.73
C SER A 217 9.74 -18.50 1.78
N LEU A 218 10.67 -17.70 1.33
CA LEU A 218 11.75 -18.27 0.54
C LEU A 218 13.04 -18.23 1.33
N PRO A 219 13.98 -19.16 1.07
CA PRO A 219 15.22 -19.21 1.87
C PRO A 219 16.03 -17.94 1.79
N TRP A 220 15.93 -17.22 0.67
CA TRP A 220 16.69 -16.00 0.46
C TRP A 220 15.91 -14.75 0.82
N GLN A 221 14.75 -14.92 1.44
CA GLN A 221 13.88 -13.83 1.85
C GLN A 221 14.08 -13.50 3.32
N GLY A 222 14.12 -12.21 3.64
CA GLY A 222 14.31 -11.77 5.01
C GLY A 222 15.75 -11.76 5.48
N LEU A 223 16.69 -11.42 4.61
CA LEU A 223 18.11 -11.39 4.89
C LEU A 223 18.54 -10.00 5.38
N LYS A 224 19.61 -9.97 6.17
CA LYS A 224 20.11 -8.75 6.80
C LYS A 224 21.26 -8.17 5.98
N ALA A 225 21.19 -6.86 5.69
CA ALA A 225 22.31 -6.13 5.10
C ALA A 225 22.14 -4.64 5.44
N ALA A 226 23.06 -3.82 4.92
CA ALA A 226 22.99 -2.37 5.07
C ALA A 226 22.65 -1.69 3.75
N THR A 227 23.64 -1.57 2.86
CA THR A 227 23.46 -1.08 1.50
C THR A 227 22.39 -1.87 0.75
N LYS A 228 21.88 -1.31 -0.35
CA LYS A 228 20.89 -2.03 -1.13
C LYS A 228 21.52 -3.08 -2.03
N ARG A 229 22.60 -2.76 -2.76
CA ARG A 229 23.16 -3.78 -3.65
C ARG A 229 23.78 -4.91 -2.87
N GLN A 230 24.34 -4.64 -1.69
CA GLN A 230 24.85 -5.73 -0.90
C GLN A 230 23.73 -6.51 -0.21
N LYS A 231 22.52 -5.97 -0.16
CA LYS A 231 21.43 -6.85 0.19
C LYS A 231 21.05 -7.71 -1.01
N TYR A 232 21.25 -7.19 -2.21
CA TYR A 232 20.98 -7.92 -3.44
C TYR A 232 22.02 -9.00 -3.69
N GLU A 233 23.29 -8.73 -3.38
CA GLU A 233 24.30 -9.77 -3.51
C GLU A 233 24.03 -10.93 -2.56
N ARG A 234 23.50 -10.64 -1.39
CA ARG A 234 23.20 -11.71 -0.43
C ARG A 234 22.02 -12.55 -0.90
N ILE A 235 21.00 -11.91 -1.49
CA ILE A 235 19.91 -12.68 -2.09
C ILE A 235 20.44 -13.52 -3.25
N SER A 236 21.32 -12.93 -4.08
CA SER A 236 21.79 -13.59 -5.29
C SER A 236 22.59 -14.86 -4.98
N GLU A 237 23.41 -14.82 -3.94
CA GLU A 237 24.26 -15.97 -3.67
C GLU A 237 23.60 -16.97 -2.73
N LYS A 238 22.59 -16.56 -1.95
CA LYS A 238 21.79 -17.56 -1.26
C LYS A 238 20.87 -18.30 -2.23
N LYS A 239 20.22 -17.58 -3.14
CA LYS A 239 19.44 -18.24 -4.18
C LYS A 239 20.29 -19.23 -4.97
N MET A 240 21.50 -18.81 -5.37
CA MET A 240 22.35 -19.66 -6.20
C MET A 240 22.93 -20.84 -5.44
N SER A 241 23.17 -20.67 -4.15
CA SER A 241 23.76 -21.71 -3.33
C SER A 241 22.70 -22.62 -2.72
N THR A 242 21.43 -22.46 -3.10
CA THR A 242 20.36 -23.31 -2.61
C THR A 242 19.90 -24.24 -3.72
N PRO A 243 20.30 -25.50 -3.72
CA PRO A 243 19.92 -26.42 -4.79
C PRO A 243 18.41 -26.60 -4.83
N ILE A 244 17.88 -26.76 -6.04
CA ILE A 244 16.44 -26.93 -6.22
C ILE A 244 15.92 -28.08 -5.37
N GLU A 245 16.73 -29.14 -5.19
CA GLU A 245 16.28 -30.31 -4.43
C GLU A 245 16.18 -30.01 -2.94
N VAL A 246 16.97 -29.06 -2.44
CA VAL A 246 16.89 -28.67 -1.04
C VAL A 246 15.80 -27.60 -0.80
N LEU A 247 15.57 -26.72 -1.77
CA LEU A 247 14.48 -25.77 -1.64
C LEU A 247 13.14 -26.48 -1.66
N CYS A 248 13.01 -27.56 -2.44
CA CYS A 248 11.75 -28.24 -2.62
C CYS A 248 11.64 -29.53 -1.83
N LYS A 249 12.51 -29.76 -0.86
CA LYS A 249 12.41 -30.99 -0.08
C LYS A 249 11.10 -31.04 0.71
N GLY A 250 10.47 -32.22 0.73
CA GLY A 250 9.22 -32.46 1.42
C GLY A 250 7.99 -32.15 0.61
N TYR A 251 8.17 -31.72 -0.61
CA TYR A 251 7.07 -31.38 -1.47
C TYR A 251 7.01 -32.31 -2.64
N PRO A 252 5.88 -32.40 -3.32
CA PRO A 252 5.84 -33.22 -4.52
C PRO A 252 6.92 -32.82 -5.53
N SER A 253 7.54 -33.83 -6.13
CA SER A 253 8.70 -33.62 -6.98
C SER A 253 8.37 -32.81 -8.23
N GLU A 254 7.09 -32.63 -8.57
CA GLU A 254 6.73 -31.83 -9.73
C GLU A 254 7.25 -30.38 -9.61
N PHE A 255 7.37 -29.86 -8.38
CA PHE A 255 7.83 -28.48 -8.24
C PHE A 255 9.32 -28.36 -8.54
N ALA A 256 10.10 -29.39 -8.15
CA ALA A 256 11.51 -29.43 -8.49
C ALA A 256 11.72 -29.72 -9.98
N THR A 257 10.99 -30.68 -10.53
CA THR A 257 11.05 -30.95 -11.96
C THR A 257 10.74 -29.68 -12.74
N TYR A 258 9.70 -28.95 -12.32
CA TYR A 258 9.37 -27.69 -12.96
C TYR A 258 10.57 -26.75 -12.96
N LEU A 259 11.10 -26.44 -11.77
CA LEU A 259 12.19 -25.47 -11.68
C LEU A 259 13.42 -25.95 -12.44
N ASN A 260 13.77 -27.24 -12.29
CA ASN A 260 14.90 -27.79 -13.03
C ASN A 260 14.72 -27.60 -14.54
N PHE A 261 13.52 -27.87 -15.04
CA PHE A 261 13.26 -27.68 -16.47
C PHE A 261 13.48 -26.24 -16.88
N CYS A 262 13.13 -25.27 -16.03
CA CYS A 262 13.17 -23.89 -16.49
C CYS A 262 14.59 -23.36 -16.55
N ARG A 263 15.43 -23.78 -15.62
CA ARG A 263 16.82 -23.40 -15.65
C ARG A 263 17.61 -24.07 -16.77
N SER A 264 17.11 -25.17 -17.33
CA SER A 264 17.87 -25.83 -18.40
C SER A 264 17.34 -25.47 -19.78
N LEU A 265 16.31 -24.64 -19.86
CA LEU A 265 15.92 -24.00 -21.11
C LEU A 265 17.04 -23.07 -21.58
N ARG A 266 17.27 -23.04 -22.90
CA ARG A 266 18.26 -22.13 -23.47
C ARG A 266 17.64 -20.77 -23.74
N PHE A 267 18.51 -19.76 -23.97
CA PHE A 267 18.05 -18.37 -24.09
C PHE A 267 16.84 -18.24 -25.00
N ASP A 268 16.92 -18.81 -26.19
CA ASP A 268 15.90 -18.60 -27.22
C ASP A 268 14.99 -19.80 -27.39
N ASP A 269 15.06 -20.78 -26.48
CA ASP A 269 14.15 -21.90 -26.54
C ASP A 269 12.71 -21.44 -26.37
N LYS A 270 11.83 -21.98 -27.21
CA LYS A 270 10.40 -21.89 -26.92
C LYS A 270 10.08 -22.88 -25.80
N PRO A 271 9.53 -22.44 -24.68
CA PRO A 271 9.24 -23.39 -23.60
C PRO A 271 8.16 -24.36 -24.04
N ASP A 272 8.24 -25.58 -23.51
CA ASP A 272 7.18 -26.56 -23.73
C ASP A 272 6.16 -26.36 -22.62
N TYR A 273 5.29 -25.36 -22.83
CA TYR A 273 4.28 -25.01 -21.83
C TYR A 273 3.37 -26.20 -21.54
N SER A 274 3.00 -26.94 -22.57
CA SER A 274 2.08 -28.05 -22.41
C SER A 274 2.66 -29.13 -21.50
N TYR A 275 3.96 -29.37 -21.60
CA TYR A 275 4.63 -30.28 -20.68
C TYR A 275 4.50 -29.79 -19.24
N LEU A 276 4.82 -28.53 -18.99
CA LEU A 276 4.82 -28.00 -17.64
C LEU A 276 3.41 -28.05 -17.05
N ARG A 277 2.41 -27.56 -17.79
CA ARG A 277 1.04 -27.63 -17.33
C ARG A 277 0.65 -29.07 -17.05
N GLN A 278 1.17 -30.02 -17.83
CA GLN A 278 0.81 -31.44 -17.65
C GLN A 278 1.44 -32.02 -16.40
N LEU A 279 2.65 -31.58 -16.05
CA LEU A 279 3.25 -31.98 -14.78
C LEU A 279 2.26 -31.80 -13.64
N PHE A 280 1.73 -30.58 -13.52
CA PHE A 280 0.88 -30.24 -12.39
C PHE A 280 -0.52 -30.82 -12.55
N ARG A 281 -1.02 -30.96 -13.79
CA ARG A 281 -2.33 -31.57 -13.97
C ARG A 281 -2.32 -33.04 -13.59
N ASN A 282 -1.23 -33.74 -13.87
CA ASN A 282 -1.12 -35.14 -13.52
C ASN A 282 -1.09 -35.34 -12.01
N LEU A 283 -0.32 -34.51 -11.29
CA LEU A 283 -0.31 -34.62 -9.83
C LEU A 283 -1.66 -34.28 -9.25
N PHE A 284 -2.30 -33.24 -9.79
CA PHE A 284 -3.65 -32.87 -9.39
C PHE A 284 -4.58 -34.06 -9.47
N HIS A 285 -4.55 -34.79 -10.56
CA HIS A 285 -5.49 -35.89 -10.64
C HIS A 285 -5.05 -37.06 -9.75
N ARG A 286 -3.75 -37.31 -9.66
CA ARG A 286 -3.24 -38.33 -8.74
C ARG A 286 -3.62 -38.05 -7.30
N GLN A 287 -3.62 -36.79 -6.90
CA GLN A 287 -4.04 -36.45 -5.56
C GLN A 287 -5.54 -36.64 -5.37
N GLY A 288 -6.29 -36.82 -6.45
CA GLY A 288 -7.72 -36.97 -6.35
C GLY A 288 -8.50 -35.69 -6.22
N PHE A 289 -7.89 -34.53 -6.45
CA PHE A 289 -8.67 -33.30 -6.41
C PHE A 289 -9.59 -33.27 -7.64
N SER A 290 -10.57 -32.38 -7.62
CA SER A 290 -11.42 -32.16 -8.77
C SER A 290 -11.32 -30.71 -9.20
N TYR A 291 -11.23 -30.47 -10.52
CA TYR A 291 -11.01 -29.12 -11.06
C TYR A 291 -12.26 -28.26 -10.96
N ASP A 292 -12.84 -28.17 -9.75
CA ASP A 292 -14.06 -27.41 -9.52
C ASP A 292 -13.81 -25.93 -9.22
N TYR A 293 -12.58 -25.45 -9.42
CA TYR A 293 -12.19 -24.05 -9.28
C TYR A 293 -12.41 -23.49 -7.88
N VAL A 294 -12.69 -24.32 -6.88
CA VAL A 294 -12.88 -23.83 -5.52
C VAL A 294 -11.49 -23.64 -4.91
N PHE A 295 -11.05 -22.40 -4.82
CA PHE A 295 -9.83 -22.00 -4.14
C PHE A 295 -10.03 -21.94 -2.64
N ASP A 296 -8.91 -21.92 -1.91
CA ASP A 296 -8.92 -21.81 -0.45
C ASP A 296 -9.78 -20.65 0.04
N TRP A 297 -9.57 -19.46 -0.49
CA TRP A 297 -10.40 -18.32 -0.12
C TRP A 297 -11.84 -18.49 -0.60
N GLU B 9 -17.92 -16.85 -3.98
CA GLU B 9 -17.09 -15.65 -4.04
C GLU B 9 -16.87 -15.07 -2.64
N LEU B 10 -15.69 -14.45 -2.44
CA LEU B 10 -15.25 -14.00 -1.12
C LEU B 10 -16.07 -12.80 -0.62
N ARG B 11 -16.83 -13.02 0.43
CA ARG B 11 -17.69 -11.98 1.02
C ARG B 11 -17.56 -12.04 2.53
N VAL B 12 -17.43 -10.89 3.17
CA VAL B 12 -17.57 -10.80 4.62
C VAL B 12 -18.95 -10.26 4.92
N GLY B 13 -19.47 -10.58 6.11
CA GLY B 13 -20.82 -10.22 6.45
C GLY B 13 -21.87 -10.71 5.48
N ASN B 14 -21.55 -11.70 4.64
CA ASN B 14 -22.42 -12.18 3.56
C ASN B 14 -22.99 -11.05 2.70
N ARG B 15 -22.40 -9.86 2.77
CA ARG B 15 -22.94 -8.71 2.06
C ARG B 15 -21.83 -7.94 1.37
N TYR B 16 -20.61 -8.05 1.87
CA TYR B 16 -19.49 -7.21 1.45
C TYR B 16 -18.45 -8.05 0.73
N ARG B 17 -18.50 -8.05 -0.60
CA ARG B 17 -17.46 -8.69 -1.39
C ARG B 17 -16.11 -8.05 -1.11
N LEU B 18 -15.08 -8.86 -0.94
CA LEU B 18 -13.77 -8.34 -0.61
C LEU B 18 -12.94 -8.09 -1.86
N GLY B 19 -12.19 -6.97 -1.85
CA GLY B 19 -11.36 -6.53 -2.95
C GLY B 19 -9.88 -6.39 -2.62
N ARG B 20 -9.18 -5.55 -3.37
CA ARG B 20 -7.75 -5.33 -3.17
C ARG B 20 -7.47 -4.87 -1.74
N LYS B 21 -6.27 -5.18 -1.26
CA LYS B 21 -5.74 -4.49 -0.10
C LYS B 21 -5.42 -3.05 -0.49
N ILE B 22 -5.85 -2.08 0.32
CA ILE B 22 -5.61 -0.70 -0.07
C ILE B 22 -4.79 0.05 0.98
N GLY B 23 -4.11 -0.71 1.82
CA GLY B 23 -3.31 -0.10 2.87
C GLY B 23 -3.33 -0.89 4.16
N SER B 24 -2.41 -0.55 5.06
CA SER B 24 -2.36 -1.23 6.37
C SER B 24 -2.72 -0.22 7.45
N GLY B 25 -3.20 -0.72 8.56
CA GLY B 25 -3.67 0.18 9.59
C GLY B 25 -3.23 -0.29 10.95
N SER B 26 -3.94 0.16 11.97
CA SER B 26 -3.56 -0.15 13.35
C SER B 26 -3.86 -1.62 13.62
N PHE B 27 -2.84 -2.47 13.60
CA PHE B 27 -3.05 -3.85 14.01
C PHE B 27 -4.04 -4.58 13.09
N GLY B 28 -3.99 -4.28 11.79
CA GLY B 28 -4.91 -4.86 10.83
C GLY B 28 -4.91 -4.15 9.49
N ASP B 29 -5.13 -4.91 8.42
CA ASP B 29 -5.03 -4.39 7.06
C ASP B 29 -6.38 -3.94 6.55
N ILE B 30 -6.35 -2.99 5.62
CA ILE B 30 -7.56 -2.41 5.06
C ILE B 30 -7.72 -2.88 3.64
N TYR B 31 -8.94 -3.28 3.30
CA TYR B 31 -9.30 -3.81 2.01
C TYR B 31 -10.46 -3.00 1.47
N LEU B 32 -10.50 -2.84 0.15
CA LEU B 32 -11.71 -2.35 -0.47
C LEU B 32 -12.77 -3.45 -0.46
N GLY B 33 -14.04 -3.02 -0.37
CA GLY B 33 -15.15 -3.94 -0.38
C GLY B 33 -16.26 -3.34 -1.24
N THR B 34 -17.19 -4.20 -1.63
CA THR B 34 -18.37 -3.72 -2.32
C THR B 34 -19.59 -4.25 -1.60
N ASP B 35 -20.47 -3.34 -1.21
CA ASP B 35 -21.80 -3.73 -0.78
C ASP B 35 -22.57 -4.11 -2.03
N ILE B 36 -22.72 -5.41 -2.27
CA ILE B 36 -23.41 -5.84 -3.49
C ILE B 36 -24.88 -5.43 -3.44
N ALA B 37 -25.45 -5.29 -2.23
CA ALA B 37 -26.84 -4.86 -2.09
C ALA B 37 -27.02 -3.43 -2.58
N ALA B 38 -26.17 -2.53 -2.12
CA ALA B 38 -26.31 -1.14 -2.51
C ALA B 38 -25.46 -0.75 -3.71
N GLY B 39 -24.39 -1.49 -3.99
CA GLY B 39 -23.37 -0.97 -4.87
C GLY B 39 -22.41 -0.03 -4.19
N GLU B 40 -22.63 0.24 -2.89
CA GLU B 40 -21.73 1.11 -2.14
C GLU B 40 -20.35 0.47 -2.05
N GLU B 41 -19.33 1.26 -2.28
CA GLU B 41 -17.97 0.82 -2.01
C GLU B 41 -17.64 1.16 -0.57
N VAL B 42 -16.87 0.28 0.07
CA VAL B 42 -16.59 0.41 1.50
C VAL B 42 -15.12 0.08 1.74
N ALA B 43 -14.68 0.40 2.96
CA ALA B 43 -13.40 -0.07 3.47
C ALA B 43 -13.65 -1.19 4.47
N ILE B 44 -12.78 -2.20 4.45
CA ILE B 44 -12.90 -3.37 5.33
C ILE B 44 -11.57 -3.55 6.06
N LYS B 45 -11.58 -3.43 7.37
CA LYS B 45 -10.41 -3.74 8.17
C LYS B 45 -10.54 -5.14 8.79
N LEU B 46 -9.42 -5.89 8.81
CA LEU B 46 -9.39 -7.26 9.29
C LEU B 46 -8.31 -7.44 10.35
N GLU B 47 -8.62 -8.27 11.34
CA GLU B 47 -7.74 -8.62 12.44
C GLU B 47 -7.91 -10.11 12.66
N CYS B 48 -6.81 -10.85 12.82
CA CYS B 48 -6.92 -12.30 12.99
C CYS B 48 -7.68 -12.60 14.27
N VAL B 49 -8.69 -13.46 14.18
CA VAL B 49 -9.58 -13.74 15.34
C VAL B 49 -8.77 -14.34 16.50
N LYS B 50 -7.63 -14.93 16.22
CA LYS B 50 -6.96 -15.67 17.31
C LYS B 50 -5.77 -14.88 17.86
N THR B 51 -5.65 -13.61 17.50
CA THR B 51 -4.56 -12.80 18.00
C THR B 51 -4.58 -12.77 19.52
N LYS B 52 -3.46 -12.38 20.11
CA LYS B 52 -3.29 -12.38 21.55
C LYS B 52 -3.48 -11.00 22.15
N HIS B 53 -3.58 -9.96 21.32
CA HIS B 53 -3.91 -8.60 21.77
C HIS B 53 -5.04 -8.09 20.89
N PRO B 54 -6.24 -8.65 21.03
CA PRO B 54 -7.38 -8.19 20.23
C PRO B 54 -7.64 -6.71 20.47
N GLN B 55 -8.02 -6.01 19.40
CA GLN B 55 -8.08 -4.55 19.42
C GLN B 55 -9.23 -4.00 18.58
N LEU B 56 -9.57 -4.70 17.48
CA LEU B 56 -10.45 -4.13 16.48
C LEU B 56 -11.83 -3.80 17.04
N HIS B 57 -12.36 -4.67 17.91
CA HIS B 57 -13.67 -4.35 18.46
C HIS B 57 -13.58 -3.16 19.42
N ILE B 58 -12.43 -2.95 20.04
CA ILE B 58 -12.24 -1.74 20.82
C ILE B 58 -12.32 -0.52 19.91
N GLU B 59 -11.54 -0.53 18.81
CA GLU B 59 -11.57 0.56 17.84
C GLU B 59 -12.97 0.78 17.28
N SER B 60 -13.75 -0.29 17.12
CA SER B 60 -15.09 -0.13 16.58
C SER B 60 -16.03 0.53 17.60
N LYS B 61 -15.81 0.28 18.88
CA LYS B 61 -16.61 0.95 19.91
C LYS B 61 -16.26 2.42 19.99
N ILE B 62 -14.98 2.76 19.85
CA ILE B 62 -14.56 4.15 19.88
C ILE B 62 -15.17 4.91 18.70
N TYR B 63 -15.11 4.33 17.50
CA TYR B 63 -15.77 4.93 16.36
C TYR B 63 -17.25 5.16 16.63
N LYS B 64 -17.88 4.25 17.38
CA LYS B 64 -19.32 4.40 17.65
C LYS B 64 -19.58 5.51 18.64
N MET B 65 -18.68 5.70 19.62
CA MET B 65 -18.82 6.84 20.52
C MET B 65 -18.63 8.16 19.79
N MET B 66 -17.86 8.17 18.70
CA MET B 66 -17.60 9.41 17.98
C MET B 66 -18.61 9.71 16.89
N GLN B 67 -19.60 8.85 16.67
CA GLN B 67 -20.45 9.09 15.50
C GLN B 67 -21.32 10.33 15.70
N GLY B 68 -21.75 10.90 14.58
CA GLY B 68 -22.40 12.19 14.55
C GLY B 68 -21.43 13.36 14.40
N GLY B 69 -20.22 13.22 14.94
CA GLY B 69 -19.23 14.28 14.84
C GLY B 69 -18.80 14.54 13.41
N VAL B 70 -18.54 15.82 13.12
CA VAL B 70 -18.07 16.26 11.80
C VAL B 70 -16.77 15.56 11.43
N GLY B 71 -16.67 15.06 10.21
CA GLY B 71 -15.40 14.46 9.80
C GLY B 71 -15.08 13.12 10.45
N ILE B 72 -16.08 12.42 10.97
CA ILE B 72 -15.94 11.08 11.53
C ILE B 72 -16.57 10.11 10.58
N PRO B 73 -15.85 9.09 10.08
CA PRO B 73 -16.47 8.09 9.20
C PRO B 73 -17.51 7.29 9.96
N THR B 74 -18.55 6.87 9.25
CA THR B 74 -19.58 5.99 9.78
C THR B 74 -19.19 4.53 9.57
N ILE B 75 -19.53 3.70 10.56
CA ILE B 75 -19.24 2.27 10.55
C ILE B 75 -20.48 1.55 10.06
N ARG B 76 -20.31 0.67 9.07
CA ARG B 76 -21.43 0.00 8.42
C ARG B 76 -21.84 -1.29 9.12
N TRP B 77 -20.88 -2.06 9.62
CA TRP B 77 -21.10 -3.39 10.17
C TRP B 77 -19.83 -3.84 10.90
N CYS B 78 -19.99 -4.51 12.03
CA CYS B 78 -18.84 -5.04 12.75
C CYS B 78 -19.21 -6.43 13.25
N GLY B 79 -18.24 -7.34 13.24
CA GLY B 79 -18.55 -8.74 13.50
C GLY B 79 -17.30 -9.58 13.38
N ALA B 80 -17.50 -10.90 13.30
CA ALA B 80 -16.43 -11.88 13.18
C ALA B 80 -16.83 -12.94 12.18
N GLU B 81 -15.88 -13.45 11.40
CA GLU B 81 -16.19 -14.40 10.34
C GLU B 81 -14.91 -15.09 9.89
N GLY B 82 -14.96 -16.41 9.74
CA GLY B 82 -13.79 -17.12 9.28
C GLY B 82 -12.65 -16.93 10.24
N ASP B 83 -11.49 -16.50 9.71
CA ASP B 83 -10.35 -16.20 10.53
C ASP B 83 -10.28 -14.74 11.02
N TYR B 84 -11.29 -13.91 10.79
CA TYR B 84 -11.07 -12.50 11.07
C TYR B 84 -12.19 -11.85 11.89
N ASN B 85 -11.78 -10.98 12.82
CA ASN B 85 -12.66 -9.90 13.23
C ASN B 85 -12.78 -8.91 12.08
N VAL B 86 -13.98 -8.38 11.86
CA VAL B 86 -14.29 -7.56 10.68
C VAL B 86 -14.91 -6.25 11.12
N MET B 87 -14.37 -5.12 10.62
CA MET B 87 -14.96 -3.79 10.78
C MET B 87 -15.13 -3.14 9.41
N VAL B 88 -16.37 -2.89 9.03
CA VAL B 88 -16.75 -2.33 7.73
C VAL B 88 -17.06 -0.85 7.92
N MET B 89 -16.40 0.01 7.14
CA MET B 89 -16.68 1.45 7.20
C MET B 89 -17.00 2.03 5.84
N GLU B 90 -17.57 3.23 5.88
CA GLU B 90 -17.80 3.99 4.67
C GLU B 90 -16.46 4.32 4.02
N LEU B 91 -16.38 4.17 2.71
CA LEU B 91 -15.15 4.48 2.00
C LEU B 91 -15.12 5.99 1.77
N LEU B 92 -14.02 6.62 2.12
CA LEU B 92 -13.91 8.06 1.94
C LEU B 92 -13.04 8.33 0.72
N GLY B 93 -12.48 9.53 0.63
CA GLY B 93 -11.65 9.82 -0.52
C GLY B 93 -10.19 9.56 -0.28
N PRO B 94 -9.34 10.22 -1.06
CA PRO B 94 -7.89 10.04 -0.87
C PRO B 94 -7.44 10.57 0.48
N SER B 95 -6.26 10.13 0.89
CA SER B 95 -5.67 10.64 2.11
C SER B 95 -4.86 11.91 1.85
N LEU B 96 -4.52 12.62 2.93
CA LEU B 96 -3.69 13.79 2.77
C LEU B 96 -2.31 13.41 2.26
N GLU B 97 -1.82 12.23 2.63
CA GLU B 97 -0.58 11.76 2.03
C GLU B 97 -0.78 11.51 0.54
N ASP B 98 -1.88 10.84 0.19
CA ASP B 98 -2.19 10.62 -1.22
C ASP B 98 -2.21 11.94 -1.99
N LEU B 99 -2.92 12.93 -1.48
CA LEU B 99 -3.06 14.21 -2.20
C LEU B 99 -1.76 15.01 -2.24
N PHE B 100 -0.94 14.89 -1.19
CA PHE B 100 0.38 15.54 -1.18
C PHE B 100 1.25 15.02 -2.35
N ASN B 101 1.27 13.70 -2.52
CA ASN B 101 1.96 13.10 -3.67
C ASN B 101 1.31 13.52 -4.97
N PHE B 102 -0.02 13.51 -5.06
CA PHE B 102 -0.65 13.95 -6.29
C PHE B 102 -0.25 15.39 -6.64
N CYS B 103 0.02 16.23 -5.64
CA CYS B 103 0.44 17.60 -5.91
C CYS B 103 1.95 17.74 -5.80
N SER B 104 2.68 16.66 -6.11
CA SER B 104 4.13 16.69 -6.22
C SER B 104 4.81 17.08 -4.91
N ARG B 105 4.23 16.69 -3.77
CA ARG B 105 4.83 16.88 -2.44
C ARG B 105 5.15 18.35 -2.16
N LYS B 106 4.26 19.24 -2.59
CA LYS B 106 4.28 20.65 -2.25
C LYS B 106 2.83 21.12 -2.25
N PHE B 107 2.44 21.81 -1.17
CA PHE B 107 1.13 22.43 -1.01
C PHE B 107 1.29 23.95 -0.95
N SER B 108 0.29 24.68 -1.43
CA SER B 108 0.34 26.13 -1.21
C SER B 108 0.16 26.45 0.28
N LEU B 109 0.67 27.60 0.68
CA LEU B 109 0.40 28.09 2.02
C LEU B 109 -1.09 28.08 2.30
N LYS B 110 -1.88 28.58 1.35
CA LYS B 110 -3.34 28.59 1.52
C LYS B 110 -3.89 27.19 1.79
N THR B 111 -3.38 26.16 1.10
CA THR B 111 -3.91 24.81 1.34
C THR B 111 -3.47 24.28 2.70
N VAL B 112 -2.20 24.52 3.09
CA VAL B 112 -1.73 24.16 4.42
C VAL B 112 -2.62 24.78 5.49
N LEU B 113 -2.99 26.05 5.30
CA LEU B 113 -3.79 26.76 6.30
C LEU B 113 -5.25 26.32 6.29
N LEU B 114 -5.81 26.03 5.11
CA LEU B 114 -7.13 25.41 5.07
C LEU B 114 -7.12 24.06 5.79
N LEU B 115 -6.05 23.26 5.59
CA LEU B 115 -5.99 21.95 6.23
C LEU B 115 -5.80 22.09 7.72
N ALA B 116 -4.99 23.05 8.16
CA ALA B 116 -4.71 23.17 9.59
C ALA B 116 -5.98 23.53 10.36
N ASP B 117 -6.81 24.41 9.79
CA ASP B 117 -8.03 24.80 10.50
C ASP B 117 -8.93 23.60 10.78
N GLN B 118 -9.15 22.78 9.76
CA GLN B 118 -10.03 21.64 9.97
C GLN B 118 -9.35 20.56 10.82
N MET B 119 -8.03 20.45 10.74
CA MET B 119 -7.37 19.37 11.46
C MET B 119 -7.26 19.65 12.95
N ILE B 120 -7.04 20.91 13.32
CA ILE B 120 -7.17 21.25 14.75
C ILE B 120 -8.57 20.94 15.24
N SER B 121 -9.59 21.22 14.43
CA SER B 121 -10.96 20.96 14.82
C SER B 121 -11.21 19.45 15.00
N ARG B 122 -10.78 18.64 14.03
CA ARG B 122 -10.93 17.19 14.18
C ARG B 122 -10.31 16.73 15.49
N ILE B 123 -9.10 17.19 15.79
CA ILE B 123 -8.42 16.75 17.00
C ILE B 123 -9.18 17.21 18.26
N GLU B 124 -9.59 18.49 18.30
CA GLU B 124 -10.34 19.01 19.44
C GLU B 124 -11.60 18.20 19.72
N TYR B 125 -12.31 17.76 18.67
CA TYR B 125 -13.54 17.01 18.88
C TYR B 125 -13.27 15.65 19.52
N ILE B 126 -12.18 14.99 19.12
CA ILE B 126 -11.83 13.71 19.75
C ILE B 126 -11.48 13.92 21.21
N HIS B 127 -10.73 14.99 21.50
CA HIS B 127 -10.42 15.31 22.88
C HIS B 127 -11.70 15.61 23.65
N SER B 128 -12.66 16.26 23.00
CA SER B 128 -13.93 16.58 23.65
C SER B 128 -14.73 15.33 23.96
N LYS B 129 -14.41 14.19 23.33
CA LYS B 129 -15.07 12.93 23.65
C LYS B 129 -14.22 12.04 24.55
N ASN B 130 -13.20 12.63 25.20
CA ASN B 130 -12.36 12.06 26.24
C ASN B 130 -11.20 11.21 25.75
N PHE B 131 -10.88 11.23 24.45
CA PHE B 131 -9.85 10.38 23.85
C PHE B 131 -8.69 11.19 23.29
N ILE B 132 -7.51 10.59 23.29
CA ILE B 132 -6.39 11.05 22.48
C ILE B 132 -6.21 10.07 21.33
N HIS B 133 -5.73 10.57 20.18
CA HIS B 133 -5.62 9.75 18.98
C HIS B 133 -4.31 8.98 18.95
N ARG B 134 -3.20 9.68 19.13
CA ARG B 134 -1.85 9.13 19.31
C ARG B 134 -1.22 8.59 18.01
N ASP B 135 -1.85 8.77 16.86
CA ASP B 135 -1.19 8.46 15.58
C ASP B 135 -1.54 9.50 14.53
N VAL B 136 -1.33 10.78 14.87
CA VAL B 136 -1.60 11.89 13.96
C VAL B 136 -0.55 11.92 12.86
N LYS B 137 -1.00 11.85 11.60
CA LYS B 137 -0.10 11.72 10.46
C LYS B 137 -0.93 11.86 9.18
N PRO B 138 -0.29 12.25 8.07
CA PRO B 138 -1.05 12.47 6.82
C PRO B 138 -1.96 11.31 6.43
N ASP B 139 -1.49 10.04 6.58
CA ASP B 139 -2.31 8.90 6.20
C ASP B 139 -3.63 8.80 6.95
N ASN B 140 -3.74 9.40 8.13
CA ASN B 140 -4.93 9.27 8.95
C ASN B 140 -5.92 10.41 8.77
N PHE B 141 -5.70 11.27 7.78
CA PHE B 141 -6.73 12.19 7.32
C PHE B 141 -7.06 11.86 5.88
N LEU B 142 -8.35 11.75 5.59
CA LEU B 142 -8.87 11.51 4.24
C LEU B 142 -9.92 12.56 3.91
N MET B 143 -9.93 12.98 2.65
CA MET B 143 -10.96 13.90 2.21
C MET B 143 -12.26 13.15 1.98
N GLY B 144 -13.38 13.88 2.12
CA GLY B 144 -14.69 13.32 1.87
C GLY B 144 -15.00 13.19 0.38
N LEU B 145 -16.25 12.81 0.12
CA LEU B 145 -16.74 12.46 -1.22
C LEU B 145 -17.94 13.33 -1.59
N GLY B 146 -18.06 13.64 -2.87
CA GLY B 146 -19.21 14.36 -3.38
C GLY B 146 -19.40 15.70 -2.70
N LYS B 147 -20.57 15.89 -2.08
CA LYS B 147 -20.88 17.16 -1.43
C LYS B 147 -19.99 17.43 -0.22
N LYS B 148 -19.33 16.40 0.29
CA LYS B 148 -18.38 16.50 1.39
C LYS B 148 -16.92 16.49 0.92
N GLY B 149 -16.67 16.85 -0.35
CA GLY B 149 -15.31 16.79 -0.87
C GLY B 149 -14.35 17.80 -0.26
N ASN B 150 -14.86 18.85 0.37
CA ASN B 150 -14.07 19.90 1.00
C ASN B 150 -13.83 19.64 2.49
N LEU B 151 -14.28 18.50 3.01
CA LEU B 151 -14.28 18.20 4.43
C LEU B 151 -13.18 17.19 4.76
N VAL B 152 -12.43 17.46 5.82
CA VAL B 152 -11.31 16.62 6.23
C VAL B 152 -11.80 15.65 7.30
N TYR B 153 -11.64 14.35 7.06
CA TYR B 153 -11.97 13.33 8.04
C TYR B 153 -10.70 12.86 8.74
N ILE B 154 -10.85 12.40 9.97
CA ILE B 154 -9.76 11.75 10.70
C ILE B 154 -10.13 10.28 10.84
N ILE B 155 -9.13 9.39 10.70
CA ILE B 155 -9.38 7.96 10.76
C ILE B 155 -8.39 7.31 11.71
N ASP B 156 -8.64 6.02 11.94
CA ASP B 156 -7.79 5.11 12.71
C ASP B 156 -7.75 5.43 14.20
N PHE B 157 -8.64 4.81 14.95
CA PHE B 157 -8.63 4.91 16.40
C PHE B 157 -8.02 3.67 17.03
N GLY B 158 -7.15 2.98 16.29
CA GLY B 158 -6.51 1.76 16.74
C GLY B 158 -5.47 1.97 17.81
N LEU B 159 -4.95 3.18 17.95
CA LEU B 159 -4.07 3.50 19.06
C LEU B 159 -4.69 4.47 20.05
N ALA B 160 -5.94 4.88 19.83
CA ALA B 160 -6.56 5.87 20.68
C ALA B 160 -6.72 5.37 22.12
N LYS B 161 -6.78 6.30 23.08
CA LYS B 161 -7.07 5.90 24.45
C LYS B 161 -7.72 7.05 25.21
N LYS B 162 -8.50 6.68 26.23
CA LYS B 162 -9.12 7.65 27.12
C LYS B 162 -8.03 8.37 27.91
N TYR B 163 -8.03 9.70 27.86
CA TYR B 163 -7.12 10.45 28.70
C TYR B 163 -7.76 11.02 29.95
N ARG B 164 -9.09 11.04 30.04
CA ARG B 164 -9.77 11.61 31.21
C ARG B 164 -11.10 10.90 31.45
N ASP B 165 -11.56 10.94 32.69
CA ASP B 165 -12.83 10.32 33.05
C ASP B 165 -14.01 11.09 32.48
N ALA B 166 -15.01 10.35 32.00
CA ALA B 166 -16.10 10.95 31.24
C ALA B 166 -17.01 11.85 32.05
N ARG B 167 -17.08 11.69 33.37
CA ARG B 167 -17.96 12.55 34.18
C ARG B 167 -17.21 13.45 35.15
N THR B 168 -16.06 13.01 35.69
CA THR B 168 -15.26 13.85 36.56
C THR B 168 -14.19 14.64 35.80
N HIS B 169 -13.85 14.23 34.59
CA HIS B 169 -12.75 14.82 33.84
C HIS B 169 -11.44 14.74 34.61
N GLN B 170 -11.34 13.77 35.49
CA GLN B 170 -10.08 13.51 36.17
C GLN B 170 -9.07 13.10 35.11
N HIS B 171 -8.01 13.86 34.96
CA HIS B 171 -7.01 13.54 33.96
C HIS B 171 -6.24 12.32 34.42
N ILE B 172 -5.73 11.56 33.45
CA ILE B 172 -4.97 10.35 33.77
C ILE B 172 -3.68 10.75 34.48
N PRO B 173 -3.14 9.87 35.31
CA PRO B 173 -1.89 10.19 36.02
C PRO B 173 -0.70 10.17 35.09
N TYR B 174 0.34 10.91 35.48
CA TYR B 174 1.58 10.94 34.74
C TYR B 174 2.40 9.69 35.01
N ARG B 175 2.92 9.05 33.94
CA ARG B 175 3.85 7.93 34.09
C ARG B 175 4.94 8.05 33.04
N GLU B 176 6.11 7.44 33.34
CA GLU B 176 7.29 7.44 32.47
C GLU B 176 7.69 6.00 32.18
N ASN B 177 8.75 5.83 31.36
CA ASN B 177 8.98 4.52 30.71
C ASN B 177 7.74 3.74 30.37
N LYS B 178 7.06 4.19 29.34
CA LYS B 178 6.02 3.42 28.71
C LYS B 178 6.62 2.87 27.42
N ASN B 179 6.32 1.61 27.13
CA ASN B 179 6.65 1.06 25.84
C ASN B 179 5.63 1.59 24.85
N LEU B 180 5.96 2.70 24.20
CA LEU B 180 4.97 3.36 23.36
C LEU B 180 5.13 2.95 21.90
N THR B 181 4.00 2.90 21.21
CA THR B 181 3.95 2.53 19.80
C THR B 181 3.32 3.68 19.02
N GLY B 182 4.09 4.25 18.10
CA GLY B 182 3.55 5.25 17.21
C GLY B 182 4.25 5.25 15.86
N THR B 183 4.15 6.36 15.13
CA THR B 183 4.83 6.55 13.86
C THR B 183 5.98 7.51 14.12
N ALA B 184 7.22 7.01 13.96
CA ALA B 184 8.40 7.75 14.41
C ALA B 184 8.50 9.15 13.79
N ARG B 185 8.18 9.28 12.50
CA ARG B 185 8.43 10.55 11.82
C ARG B 185 7.61 11.70 12.40
N TYR B 186 6.42 11.42 12.92
CA TYR B 186 5.49 12.45 13.37
C TYR B 186 5.26 12.43 14.87
N ALA B 187 5.84 11.47 15.58
CA ALA B 187 5.62 11.38 17.03
C ALA B 187 6.15 12.62 17.75
N SER B 188 5.51 12.94 18.87
CA SER B 188 6.02 14.03 19.69
C SER B 188 7.32 13.62 20.38
N ILE B 189 8.08 14.63 20.81
CA ILE B 189 9.34 14.37 21.52
C ILE B 189 9.09 13.56 22.78
N ASN B 190 8.04 13.89 23.54
CA ASN B 190 7.72 13.15 24.76
C ASN B 190 7.43 11.68 24.47
N THR B 191 6.84 11.39 23.31
CA THR B 191 6.59 10.01 22.92
C THR B 191 7.88 9.23 22.73
N HIS B 192 8.89 9.86 22.12
CA HIS B 192 10.18 9.23 21.92
C HIS B 192 10.87 8.91 23.24
N LEU B 193 10.52 9.59 24.33
CA LEU B 193 11.16 9.43 25.62
C LEU B 193 10.43 8.48 26.56
N GLY B 194 9.32 7.88 26.13
CA GLY B 194 8.58 6.97 27.00
C GLY B 194 7.58 7.64 27.91
N ILE B 195 7.21 8.85 27.62
CA ILE B 195 6.30 9.58 28.49
C ILE B 195 4.87 9.33 28.05
N GLU B 196 3.98 9.16 29.02
CA GLU B 196 2.56 9.03 28.75
C GLU B 196 2.08 10.15 27.84
N GLN B 197 1.39 9.79 26.76
CA GLN B 197 0.89 10.80 25.86
C GLN B 197 -0.43 11.38 26.37
N SER B 198 -0.72 12.59 25.92
CA SER B 198 -1.93 13.31 26.32
C SER B 198 -2.24 14.30 25.19
N ARG B 199 -3.17 15.23 25.44
CA ARG B 199 -3.70 16.09 24.38
C ARG B 199 -2.61 16.88 23.66
N ARG B 200 -1.59 17.32 24.39
CA ARG B 200 -0.53 18.12 23.79
C ARG B 200 0.18 17.36 22.68
N ASP B 201 0.29 16.03 22.80
CA ASP B 201 1.10 15.27 21.85
C ASP B 201 0.39 15.14 20.51
N ASP B 202 -0.94 15.06 20.52
CA ASP B 202 -1.73 15.08 19.28
C ASP B 202 -1.45 16.36 18.49
N LEU B 203 -1.50 17.51 19.16
CA LEU B 203 -1.36 18.77 18.42
C LEU B 203 0.08 19.04 18.03
N GLU B 204 1.06 18.62 18.85
CA GLU B 204 2.46 18.73 18.44
C GLU B 204 2.74 17.87 17.22
N SER B 205 2.17 16.67 17.17
CA SER B 205 2.34 15.86 15.97
C SER B 205 1.71 16.52 14.76
N LEU B 206 0.52 17.10 14.94
CA LEU B 206 -0.06 17.94 13.90
C LEU B 206 0.91 19.05 13.47
N GLY B 207 1.62 19.65 14.42
CA GLY B 207 2.59 20.67 14.07
C GLY B 207 3.67 20.16 13.13
N TYR B 208 4.10 18.91 13.33
CA TYR B 208 5.09 18.30 12.43
C TYR B 208 4.48 17.98 11.07
N VAL B 209 3.21 17.58 11.03
CA VAL B 209 2.56 17.32 9.75
C VAL B 209 2.50 18.59 8.91
N LEU B 210 2.14 19.73 9.54
CA LEU B 210 2.03 20.99 8.81
C LEU B 210 3.37 21.39 8.20
N MET B 211 4.44 21.32 8.99
CA MET B 211 5.75 21.66 8.47
C MET B 211 6.20 20.71 7.38
N TYR B 212 5.83 19.43 7.49
CA TYR B 212 6.11 18.46 6.44
C TYR B 212 5.42 18.85 5.15
N PHE B 213 4.14 19.25 5.25
CA PHE B 213 3.44 19.78 4.09
C PHE B 213 4.14 21.01 3.51
N ASN B 214 4.78 21.83 4.37
CA ASN B 214 5.44 23.04 3.88
C ASN B 214 6.78 22.70 3.22
N LEU B 215 7.51 21.73 3.77
CA LEU B 215 8.88 21.45 3.37
C LEU B 215 8.99 20.34 2.34
N GLY B 216 8.00 19.46 2.24
CA GLY B 216 8.12 18.25 1.47
C GLY B 216 8.67 17.06 2.23
N SER B 217 9.43 17.31 3.30
CA SER B 217 10.13 16.28 4.07
C SER B 217 10.55 16.90 5.40
N LEU B 218 10.86 16.04 6.38
CA LEU B 218 11.35 16.55 7.64
C LEU B 218 12.83 16.22 7.85
N PRO B 219 13.57 17.02 8.62
CA PRO B 219 15.03 16.78 8.75
C PRO B 219 15.38 15.39 9.26
N TRP B 220 14.52 14.77 10.06
CA TRP B 220 14.76 13.46 10.65
C TRP B 220 14.19 12.33 9.82
N GLN B 221 13.69 12.62 8.62
CA GLN B 221 13.12 11.62 7.75
C GLN B 221 14.20 11.20 6.77
N GLY B 222 14.33 9.89 6.56
CA GLY B 222 15.35 9.37 5.69
C GLY B 222 16.72 9.23 6.32
N LEU B 223 16.78 8.89 7.60
CA LEU B 223 18.05 8.65 8.26
C LEU B 223 18.37 7.17 8.12
N LYS B 224 19.64 6.84 7.92
CA LYS B 224 20.01 5.46 7.66
C LYS B 224 20.59 4.77 8.89
N ALA B 225 20.16 3.53 9.10
CA ALA B 225 20.69 2.69 10.15
C ALA B 225 20.55 1.23 9.71
N ALA B 226 20.90 0.32 10.61
CA ALA B 226 20.79 -1.12 10.39
C ALA B 226 19.61 -1.69 11.15
N THR B 227 19.72 -1.79 12.47
CA THR B 227 18.58 -2.12 13.32
C THR B 227 17.42 -1.13 13.11
N LYS B 228 16.22 -1.56 13.50
CA LYS B 228 15.07 -0.67 13.56
C LYS B 228 15.12 0.16 14.82
N ARG B 229 15.50 -0.46 15.93
CA ARG B 229 15.65 0.30 17.16
C ARG B 229 16.78 1.30 17.02
N GLN B 230 17.76 1.03 16.16
CA GLN B 230 18.79 2.02 15.86
C GLN B 230 18.28 3.12 14.96
N LYS B 231 17.16 2.91 14.27
CA LYS B 231 16.57 3.99 13.49
C LYS B 231 15.67 4.92 14.31
N TYR B 232 14.95 4.35 15.27
CA TYR B 232 14.05 5.14 16.13
C TYR B 232 14.89 6.09 17.02
N GLU B 233 16.04 5.63 17.48
CA GLU B 233 16.88 6.43 18.40
C GLU B 233 17.56 7.55 17.62
N ARG B 234 17.88 7.28 16.36
CA ARG B 234 18.49 8.30 15.50
C ARG B 234 17.39 9.32 15.16
N ILE B 235 16.20 8.83 14.83
CA ILE B 235 15.08 9.74 14.61
C ILE B 235 14.83 10.57 15.85
N SER B 236 14.85 9.92 17.02
CA SER B 236 14.59 10.62 18.28
C SER B 236 15.64 11.70 18.53
N GLU B 237 16.88 11.48 18.13
CA GLU B 237 17.94 12.43 18.43
C GLU B 237 18.11 13.50 17.36
N LYS B 238 17.70 13.24 16.11
CA LYS B 238 17.66 14.32 15.12
C LYS B 238 16.48 15.24 15.36
N LYS B 239 15.30 14.66 15.67
CA LYS B 239 14.16 15.45 16.09
C LYS B 239 14.49 16.27 17.32
N MET B 240 15.14 15.67 18.31
CA MET B 240 15.42 16.43 19.52
C MET B 240 16.49 17.50 19.29
N SER B 241 17.36 17.31 18.29
CA SER B 241 18.45 18.23 17.95
C SER B 241 18.07 19.26 16.89
N THR B 242 16.79 19.35 16.51
CA THR B 242 16.32 20.35 15.57
C THR B 242 15.51 21.38 16.33
N PRO B 243 16.07 22.55 16.65
CA PRO B 243 15.29 23.55 17.37
C PRO B 243 14.13 23.99 16.48
N ILE B 244 12.98 24.27 17.10
CA ILE B 244 11.80 24.67 16.33
C ILE B 244 12.14 25.82 15.42
N GLU B 245 13.06 26.68 15.84
CA GLU B 245 13.43 27.84 15.05
C GLU B 245 14.18 27.45 13.78
N VAL B 246 14.92 26.36 13.79
CA VAL B 246 15.60 25.98 12.56
C VAL B 246 14.68 25.12 11.68
N LEU B 247 13.75 24.38 12.29
CA LEU B 247 12.79 23.62 11.51
C LEU B 247 11.84 24.53 10.74
N CYS B 248 11.51 25.69 11.28
CA CYS B 248 10.51 26.56 10.66
C CYS B 248 11.13 27.79 10.04
N LYS B 249 12.45 27.80 9.84
CA LYS B 249 13.10 28.97 9.26
C LYS B 249 12.61 29.23 7.85
N GLY B 250 12.35 30.50 7.55
CA GLY B 250 11.89 30.86 6.25
C GLY B 250 10.39 30.77 6.06
N TYR B 251 9.65 30.37 7.08
CA TYR B 251 8.21 30.19 6.97
C TYR B 251 7.52 31.19 7.89
N PRO B 252 6.21 31.40 7.70
CA PRO B 252 5.50 32.32 8.59
C PRO B 252 5.68 31.89 10.04
N SER B 253 5.87 32.89 10.92
CA SER B 253 6.23 32.62 12.30
C SER B 253 5.16 31.85 13.05
N GLU B 254 3.94 31.81 12.53
CA GLU B 254 2.86 31.06 13.18
C GLU B 254 3.17 29.58 13.32
N PHE B 255 3.98 29.00 12.40
CA PHE B 255 4.25 27.56 12.54
C PHE B 255 5.18 27.30 13.71
N ALA B 256 6.15 28.19 13.94
CA ALA B 256 6.99 28.04 15.13
C ALA B 256 6.19 28.35 16.40
N THR B 257 5.40 29.43 16.38
CA THR B 257 4.57 29.76 17.53
C THR B 257 3.64 28.59 17.89
N TYR B 258 2.99 28.01 16.89
CA TYR B 258 2.15 26.84 17.11
C TYR B 258 2.92 25.74 17.80
N LEU B 259 4.07 25.35 17.23
CA LEU B 259 4.85 24.26 17.79
C LEU B 259 5.36 24.58 19.19
N ASN B 260 5.90 25.78 19.40
CA ASN B 260 6.37 26.15 20.72
C ASN B 260 5.26 26.04 21.74
N PHE B 261 4.06 26.52 21.37
CA PHE B 261 2.92 26.41 22.28
C PHE B 261 2.64 24.94 22.63
N CYS B 262 2.77 24.04 21.65
CA CYS B 262 2.35 22.69 21.91
C CYS B 262 3.39 21.95 22.72
N ARG B 263 4.65 22.32 22.56
CA ARG B 263 5.71 21.78 23.40
C ARG B 263 5.67 22.32 24.82
N SER B 264 5.03 23.47 25.05
CA SER B 264 5.02 24.14 26.35
C SER B 264 3.80 23.85 27.18
N LEU B 265 2.84 23.13 26.61
CA LEU B 265 1.72 22.61 27.38
C LEU B 265 2.20 21.57 28.39
N ARG B 266 1.56 21.59 29.57
CA ARG B 266 1.86 20.58 30.56
C ARG B 266 1.02 19.32 30.31
N PHE B 267 1.41 18.24 30.97
CA PHE B 267 0.80 16.93 30.74
C PHE B 267 -0.72 17.02 30.69
N ASP B 268 -1.34 17.66 31.69
CA ASP B 268 -2.79 17.69 31.81
C ASP B 268 -3.45 19.03 31.44
N ASP B 269 -2.70 19.99 30.87
CA ASP B 269 -3.31 21.25 30.43
C ASP B 269 -4.30 21.01 29.28
N LYS B 270 -5.44 21.67 29.36
CA LYS B 270 -6.30 21.76 28.20
C LYS B 270 -5.66 22.68 27.17
N PRO B 271 -5.46 22.24 25.94
CA PRO B 271 -4.91 23.14 24.93
C PRO B 271 -5.92 24.22 24.62
N ASP B 272 -5.40 25.41 24.27
CA ASP B 272 -6.24 26.51 23.79
C ASP B 272 -6.38 26.36 22.27
N TYR B 273 -7.35 25.56 21.85
CA TYR B 273 -7.53 25.28 20.42
C TYR B 273 -7.84 26.54 19.62
N SER B 274 -8.72 27.40 20.14
CA SER B 274 -9.12 28.58 19.37
C SER B 274 -7.94 29.53 19.16
N TYR B 275 -7.06 29.61 20.16
CA TYR B 275 -5.83 30.37 19.99
C TYR B 275 -5.05 29.84 18.80
N LEU B 276 -4.87 28.52 18.74
CA LEU B 276 -4.05 27.89 17.71
C LEU B 276 -4.65 28.10 16.33
N ARG B 277 -5.95 27.81 16.20
CA ARG B 277 -6.62 28.07 14.93
C ARG B 277 -6.51 29.54 14.55
N GLN B 278 -6.63 30.44 15.54
CA GLN B 278 -6.64 31.86 15.22
C GLN B 278 -5.27 32.35 14.76
N LEU B 279 -4.19 31.75 15.25
CA LEU B 279 -2.88 32.01 14.67
C LEU B 279 -2.93 31.93 13.15
N PHE B 280 -3.43 30.81 12.65
CA PHE B 280 -3.44 30.58 11.22
C PHE B 280 -4.54 31.34 10.52
N ARG B 281 -5.69 31.54 11.17
CA ARG B 281 -6.78 32.31 10.55
C ARG B 281 -6.35 33.75 10.32
N ASN B 282 -5.58 34.31 11.25
CA ASN B 282 -5.08 35.67 11.10
C ASN B 282 -4.06 35.74 9.97
N LEU B 283 -3.18 34.74 9.88
CA LEU B 283 -2.23 34.69 8.77
C LEU B 283 -2.96 34.50 7.44
N PHE B 284 -3.94 33.61 7.41
CA PHE B 284 -4.76 33.42 6.21
C PHE B 284 -5.32 34.75 5.72
N HIS B 285 -5.87 35.56 6.63
CA HIS B 285 -6.45 36.82 6.21
C HIS B 285 -5.36 37.85 5.87
N ARG B 286 -4.27 37.87 6.63
CA ARG B 286 -3.17 38.77 6.29
C ARG B 286 -2.66 38.49 4.89
N GLN B 287 -2.55 37.21 4.52
CA GLN B 287 -2.13 36.82 3.18
C GLN B 287 -3.18 37.17 2.13
N GLY B 288 -4.39 37.54 2.53
CA GLY B 288 -5.40 37.91 1.57
C GLY B 288 -6.13 36.75 0.93
N PHE B 289 -6.00 35.55 1.47
CA PHE B 289 -6.70 34.39 0.93
C PHE B 289 -8.20 34.48 1.27
N SER B 290 -9.00 33.66 0.61
CA SER B 290 -10.41 33.53 0.95
C SER B 290 -10.79 32.07 1.19
N TYR B 291 -11.61 31.83 2.23
CA TYR B 291 -11.99 30.49 2.68
C TYR B 291 -12.93 29.80 1.71
N ASP B 292 -12.56 29.74 0.43
CA ASP B 292 -13.46 29.20 -0.59
C ASP B 292 -13.37 27.69 -0.71
N TYR B 293 -12.72 27.01 0.24
CA TYR B 293 -12.56 25.56 0.29
C TYR B 293 -11.84 25.00 -0.94
N VAL B 294 -11.30 25.87 -1.79
CA VAL B 294 -10.61 25.42 -3.00
C VAL B 294 -9.17 25.05 -2.59
N PHE B 295 -8.91 23.75 -2.51
CA PHE B 295 -7.58 23.21 -2.27
C PHE B 295 -6.77 23.21 -3.57
N ASP B 296 -5.45 23.08 -3.45
CA ASP B 296 -4.60 22.96 -4.63
C ASP B 296 -5.20 21.95 -5.60
N TRP B 297 -5.53 20.75 -5.11
CA TRP B 297 -6.30 19.79 -5.90
C TRP B 297 -7.71 20.38 -6.01
N GLU C 3 9.92 5.00 1.55
CA GLU C 3 9.84 4.91 3.01
C GLU C 3 9.82 3.45 3.49
N ARG C 4 10.40 3.22 4.67
CA ARG C 4 10.26 1.92 5.32
C ARG C 4 9.73 2.11 6.73
N ASP C 5 10.56 1.88 7.73
CA ASP C 5 10.10 1.71 9.09
C ASP C 5 10.08 3.01 9.90
N SEP C 6 10.15 4.15 9.22
CA SEP C 6 10.05 5.42 9.94
CB SEP C 6 10.92 6.48 9.26
OG SEP C 6 10.68 6.55 7.87
C SEP C 6 8.60 5.89 10.01
O SEP C 6 8.26 6.72 10.85
P SEP C 6 11.23 7.93 7.26
O1P SEP C 6 10.65 9.16 8.12
O2P SEP C 6 10.74 7.99 5.74
O3P SEP C 6 12.82 7.98 7.36
N VAL C 7 7.74 5.38 9.13
CA VAL C 7 6.37 5.87 9.08
C VAL C 7 5.28 4.78 9.16
N MET C 8 5.60 3.61 9.70
CA MET C 8 4.58 2.65 10.08
C MET C 8 4.76 2.30 11.55
N LEU C 9 3.67 1.89 12.18
CA LEU C 9 3.65 1.72 13.63
C LEU C 9 4.79 0.82 14.10
N GLY C 10 5.30 1.13 15.28
CA GLY C 10 6.39 0.38 15.87
C GLY C 10 6.63 0.84 17.29
N GLU C 11 7.45 0.07 17.99
CA GLU C 11 7.83 0.41 19.36
C GLU C 11 8.93 1.47 19.29
N ILE C 12 8.55 2.72 19.52
CA ILE C 12 9.44 3.85 19.23
C ILE C 12 10.18 4.31 20.49
N ALA C 13 9.53 4.21 21.65
CA ALA C 13 10.13 4.66 22.90
C ALA C 13 11.14 3.64 23.42
N ASP D 5 13.31 -4.23 0.55
CA ASP D 5 14.01 -3.92 -0.69
C ASP D 5 14.07 -5.15 -1.61
N SEP D 6 13.64 -6.28 -1.08
CA SEP D 6 13.71 -7.55 -1.81
CB SEP D 6 13.80 -8.68 -0.80
OG SEP D 6 12.75 -8.52 0.11
C SEP D 6 12.52 -7.78 -2.74
O SEP D 6 12.60 -8.59 -3.65
P SEP D 6 12.67 -9.72 1.12
O1P SEP D 6 11.37 -9.42 2.04
O2P SEP D 6 14.01 -9.71 2.03
O3P SEP D 6 12.51 -11.12 0.34
N VAL D 7 11.40 -7.10 -2.47
CA VAL D 7 10.21 -7.19 -3.32
C VAL D 7 9.82 -5.83 -3.92
N MET D 8 10.49 -4.77 -3.49
CA MET D 8 10.44 -3.52 -4.24
C MET D 8 11.10 -3.71 -5.60
N LEU D 9 10.63 -2.95 -6.58
CA LEU D 9 11.28 -2.90 -7.88
C LEU D 9 12.56 -2.08 -7.75
N GLY D 10 13.66 -2.65 -8.23
CA GLY D 10 14.97 -2.06 -8.05
C GLY D 10 15.98 -2.71 -8.95
N GLU D 11 17.25 -2.49 -8.65
CA GLU D 11 18.33 -2.98 -9.51
C GLU D 11 19.10 -4.14 -8.87
#